data_1XP8
#
_entry.id   1XP8
#
_cell.length_a   111.380
_cell.length_b   111.380
_cell.length_c   67.490
_cell.angle_alpha   90.00
_cell.angle_beta   90.00
_cell.angle_gamma   120.00
#
_symmetry.space_group_name_H-M   'P 61'
#
loop_
_entity.id
_entity.type
_entity.pdbx_description
1 polymer 'RecA protein'
2 non-polymer 'PHOSPHOTHIOPHOSPHORIC ACID-ADENYLATE ESTER'
3 water water
#
_entity_poly.entity_id   1
_entity_poly.type   'polypeptide(L)'
_entity_poly.pdbx_seq_one_letter_code
;GSHMSKDATKEISAPTDAKERSKAIETAMSQIEKAFGKGSIMKLGAESKLDVQVVSTGSLSLDLALGVGGIPRGRITEIY
GPESGGKTTLALAIVAQAQKAGGTCAFIDAEHALDPVYARALGVNTDELLVSQPDNGEQALEIMELLVRSGAIDVVVVDS
VAALTPRAEIEGDMGDSLPGLQARLMSQALRKLTAILSKTGTAAIFINQVREKIGVMYGNPETTTGGRALKFYASVRLDV
RKIGQPTKVGNDAVANTVKIKTVKNKVAAPFKEVELALVYGKGFDQLSDLVGLAADMDIIKKAGSFYSYGDERIGQGKEK
TIAYIAERPEMEQEIRDRVMAAIRAGNAGEAPALAPAPAAPEAAEA
;
_entity_poly.pdbx_strand_id   A
#
loop_
_chem_comp.id
_chem_comp.type
_chem_comp.name
_chem_comp.formula
AGS non-polymer 'PHOSPHOTHIOPHOSPHORIC ACID-ADENYLATE ESTER' 'C10 H16 N5 O12 P3 S'
#
# COMPACT_ATOMS: atom_id res chain seq x y z
N ALA A 18 32.81 -15.21 22.68
CA ALA A 18 33.03 -14.96 21.22
C ALA A 18 31.91 -15.56 20.37
N LYS A 19 31.11 -16.41 20.99
CA LYS A 19 30.00 -17.05 20.29
C LYS A 19 28.70 -16.89 21.09
N GLU A 20 28.83 -16.99 22.42
CA GLU A 20 27.69 -16.83 23.31
C GLU A 20 27.18 -15.39 23.18
N ARG A 21 27.89 -14.63 22.34
CA ARG A 21 27.56 -13.24 22.06
C ARG A 21 26.38 -13.29 21.09
N SER A 22 26.58 -13.99 19.98
CA SER A 22 25.54 -14.13 18.97
C SER A 22 24.24 -14.62 19.61
N LYS A 23 24.37 -15.22 20.79
CA LYS A 23 23.21 -15.72 21.53
C LYS A 23 22.48 -14.60 22.25
N ALA A 24 23.22 -13.82 23.02
CA ALA A 24 22.65 -12.71 23.77
C ALA A 24 21.88 -11.79 22.83
N ILE A 25 22.36 -11.69 21.59
CA ILE A 25 21.71 -10.85 20.61
C ILE A 25 20.30 -11.34 20.29
N GLU A 26 20.15 -12.58 19.84
CA GLU A 26 18.80 -13.05 19.53
C GLU A 26 17.94 -13.21 20.78
N THR A 27 18.56 -13.17 21.95
CA THR A 27 17.82 -13.28 23.19
C THR A 27 17.15 -11.94 23.49
N ALA A 28 17.91 -10.86 23.30
CA ALA A 28 17.37 -9.52 23.53
C ALA A 28 16.28 -9.25 22.49
N MET A 29 16.51 -9.71 21.26
CA MET A 29 15.52 -9.51 20.21
C MET A 29 14.22 -10.11 20.67
N SER A 30 14.31 -11.32 21.20
CA SER A 30 13.13 -12.01 21.69
C SER A 30 12.50 -11.24 22.83
N GLN A 31 13.28 -10.89 23.84
CA GLN A 31 12.74 -10.13 24.97
C GLN A 31 12.02 -8.89 24.47
N ILE A 32 12.66 -8.15 23.57
CA ILE A 32 12.09 -6.96 22.99
C ILE A 32 10.76 -7.28 22.29
N GLU A 33 10.74 -8.39 21.56
CA GLU A 33 9.52 -8.81 20.87
C GLU A 33 8.47 -9.34 21.84
N LYS A 34 8.93 -9.80 23.00
CA LYS A 34 8.02 -10.31 24.02
C LYS A 34 7.31 -9.11 24.61
N ALA A 35 8.11 -8.11 24.95
CA ALA A 35 7.60 -6.90 25.56
C ALA A 35 6.79 -6.01 24.61
N PHE A 36 7.24 -5.87 23.37
CA PHE A 36 6.55 -4.99 22.43
C PHE A 36 5.97 -5.62 21.16
N GLY A 37 6.11 -6.95 21.02
CA GLY A 37 5.56 -7.63 19.87
C GLY A 37 6.50 -7.87 18.71
N LYS A 38 6.08 -8.73 17.79
CA LYS A 38 6.89 -9.05 16.61
C LYS A 38 7.09 -7.80 15.74
N GLY A 39 8.29 -7.63 15.21
CA GLY A 39 8.57 -6.46 14.38
C GLY A 39 9.10 -5.28 15.18
N SER A 40 9.22 -5.44 16.50
CA SER A 40 9.70 -4.37 17.35
C SER A 40 11.15 -4.04 17.12
N ILE A 41 11.88 -5.02 16.57
CA ILE A 41 13.28 -4.86 16.25
C ILE A 41 13.64 -5.96 15.28
N MET A 42 14.43 -5.62 14.26
CA MET A 42 14.84 -6.61 13.26
C MET A 42 16.03 -6.12 12.44
N LYS A 43 16.81 -7.07 11.90
CA LYS A 43 17.96 -6.73 11.08
C LYS A 43 17.41 -6.27 9.74
N LEU A 44 17.96 -5.19 9.18
CA LEU A 44 17.47 -4.66 7.92
C LEU A 44 17.49 -5.62 6.74
N GLY A 45 18.33 -6.65 6.82
CA GLY A 45 18.41 -7.60 5.73
C GLY A 45 17.66 -8.88 6.00
N ALA A 46 16.97 -8.92 7.15
CA ALA A 46 16.21 -10.09 7.55
C ALA A 46 15.03 -10.37 6.64
N GLU A 47 14.65 -11.65 6.56
CA GLU A 47 13.53 -12.09 5.77
C GLU A 47 12.31 -11.80 6.65
N SER A 48 11.38 -10.99 6.15
CA SER A 48 10.19 -10.62 6.91
C SER A 48 9.51 -11.85 7.52
N LYS A 49 8.59 -12.42 6.76
CA LYS A 49 7.85 -13.61 7.14
C LYS A 49 6.81 -13.41 8.26
N LEU A 50 6.49 -12.16 8.59
CA LEU A 50 5.47 -11.92 9.62
C LEU A 50 4.11 -12.34 9.04
N ASP A 51 3.38 -13.13 9.82
CA ASP A 51 2.08 -13.64 9.39
C ASP A 51 0.98 -12.56 9.43
N VAL A 52 0.74 -11.92 8.29
CA VAL A 52 -0.30 -10.90 8.21
C VAL A 52 -0.97 -10.93 6.86
N GLN A 53 -2.26 -10.62 6.84
CA GLN A 53 -3.00 -10.59 5.61
C GLN A 53 -2.67 -9.29 4.89
N VAL A 54 -2.64 -9.36 3.58
CA VAL A 54 -2.25 -8.25 2.76
C VAL A 54 -3.26 -7.89 1.66
N VAL A 55 -3.10 -6.68 1.13
CA VAL A 55 -3.91 -6.17 0.02
C VAL A 55 -2.85 -5.60 -0.93
N SER A 56 -2.68 -6.25 -2.07
CA SER A 56 -1.69 -5.83 -3.06
C SER A 56 -1.86 -4.40 -3.59
N THR A 57 -0.74 -3.73 -3.80
CA THR A 57 -0.76 -2.38 -4.33
C THR A 57 -0.97 -2.38 -5.84
N GLY A 58 -0.74 -3.52 -6.48
CA GLY A 58 -0.91 -3.59 -7.92
C GLY A 58 0.42 -3.63 -8.63
N SER A 59 1.44 -3.08 -7.98
CA SER A 59 2.79 -3.06 -8.51
C SER A 59 3.49 -4.07 -7.62
N LEU A 60 3.85 -5.21 -8.19
CA LEU A 60 4.50 -6.26 -7.43
C LEU A 60 5.83 -5.90 -6.80
N SER A 61 6.59 -5.02 -7.44
CA SER A 61 7.87 -4.63 -6.86
C SER A 61 7.58 -3.99 -5.50
N LEU A 62 6.62 -3.07 -5.46
CA LEU A 62 6.25 -2.40 -4.23
C LEU A 62 5.76 -3.43 -3.22
N ASP A 63 5.04 -4.44 -3.70
CA ASP A 63 4.53 -5.50 -2.82
C ASP A 63 5.73 -6.26 -2.24
N LEU A 64 6.76 -6.38 -3.07
CA LEU A 64 7.98 -7.08 -2.70
C LEU A 64 8.78 -6.22 -1.75
N ALA A 65 8.87 -4.92 -2.04
CA ALA A 65 9.60 -3.98 -1.18
C ALA A 65 8.93 -3.90 0.19
N LEU A 66 7.59 -3.99 0.19
CA LEU A 66 6.79 -3.96 1.41
C LEU A 66 7.02 -5.22 2.22
N GLY A 67 7.85 -6.10 1.70
CA GLY A 67 8.17 -7.34 2.38
C GLY A 67 7.07 -8.38 2.46
N VAL A 68 5.92 -8.01 3.00
CA VAL A 68 4.81 -8.94 3.17
C VAL A 68 3.82 -9.04 2.01
N GLY A 69 4.15 -8.41 0.88
CA GLY A 69 3.32 -8.51 -0.30
C GLY A 69 2.22 -7.51 -0.62
N GLY A 70 2.08 -6.47 0.21
CA GLY A 70 1.06 -5.48 -0.02
C GLY A 70 0.89 -4.79 1.31
N ILE A 71 -0.07 -3.88 1.44
CA ILE A 71 -0.25 -3.21 2.72
C ILE A 71 -1.00 -4.15 3.67
N PRO A 72 -0.53 -4.24 4.92
CA PRO A 72 -1.10 -5.09 5.98
C PRO A 72 -2.51 -4.78 6.48
N ARG A 73 -3.36 -5.79 6.49
CA ARG A 73 -4.74 -5.68 6.97
C ARG A 73 -4.71 -5.60 8.50
N GLY A 74 -5.75 -4.99 9.08
CA GLY A 74 -5.81 -4.88 10.53
C GLY A 74 -4.84 -3.85 11.08
N ARG A 75 -4.14 -3.16 10.19
CA ARG A 75 -3.15 -2.14 10.56
C ARG A 75 -3.41 -0.83 9.81
N ILE A 76 -2.71 0.24 10.23
CA ILE A 76 -2.83 1.54 9.59
C ILE A 76 -1.65 1.75 8.65
N THR A 77 -1.91 2.34 7.49
CA THR A 77 -0.84 2.65 6.54
C THR A 77 -0.96 4.11 6.14
N GLU A 78 0.15 4.82 6.25
CA GLU A 78 0.19 6.23 5.90
C GLU A 78 0.93 6.38 4.59
N ILE A 79 0.37 7.16 3.69
CA ILE A 79 1.00 7.42 2.40
C ILE A 79 1.15 8.91 2.33
N TYR A 80 2.38 9.40 2.32
CA TYR A 80 2.59 10.83 2.29
C TYR A 80 3.60 11.32 1.26
N GLY A 81 3.60 12.63 1.09
CA GLY A 81 4.50 13.25 0.14
C GLY A 81 3.82 14.45 -0.47
N PRO A 82 4.49 15.10 -1.43
CA PRO A 82 3.99 16.29 -2.15
C PRO A 82 2.72 16.00 -2.94
N GLU A 83 2.02 17.07 -3.31
CA GLU A 83 0.82 16.95 -4.12
C GLU A 83 1.28 16.55 -5.53
N SER A 84 0.47 15.78 -6.23
CA SER A 84 0.77 15.31 -7.58
C SER A 84 1.87 14.24 -7.55
N GLY A 85 2.21 13.77 -6.35
CA GLY A 85 3.24 12.75 -6.21
C GLY A 85 2.84 11.32 -6.53
N GLY A 86 1.56 10.97 -6.34
CA GLY A 86 1.13 9.61 -6.62
C GLY A 86 0.38 8.94 -5.48
N LYS A 87 0.26 9.67 -4.36
CA LYS A 87 -0.44 9.17 -3.18
C LYS A 87 -1.86 8.69 -3.50
N THR A 88 -2.68 9.56 -4.09
CA THR A 88 -4.04 9.16 -4.42
C THR A 88 -4.05 8.01 -5.43
N THR A 89 -3.17 8.07 -6.43
CA THR A 89 -3.11 7.01 -7.43
C THR A 89 -2.85 5.71 -6.69
N LEU A 90 -1.78 5.67 -5.90
CA LEU A 90 -1.43 4.48 -5.13
C LEU A 90 -2.62 3.97 -4.33
N ALA A 91 -3.24 4.85 -3.55
CA ALA A 91 -4.38 4.50 -2.72
C ALA A 91 -5.49 3.84 -3.53
N LEU A 92 -5.88 4.47 -4.65
CA LEU A 92 -6.93 3.91 -5.52
C LEU A 92 -6.52 2.54 -6.08
N ALA A 93 -5.24 2.39 -6.44
CA ALA A 93 -4.73 1.13 -6.97
C ALA A 93 -5.02 0.00 -5.98
N ILE A 94 -4.85 0.31 -4.70
CA ILE A 94 -5.08 -0.64 -3.64
C ILE A 94 -6.56 -1.03 -3.50
N VAL A 95 -7.47 -0.06 -3.55
CA VAL A 95 -8.88 -0.41 -3.44
C VAL A 95 -9.27 -1.23 -4.67
N ALA A 96 -8.70 -0.87 -5.83
CA ALA A 96 -8.98 -1.57 -7.08
C ALA A 96 -8.60 -3.03 -6.87
N GLN A 97 -7.49 -3.24 -6.19
CA GLN A 97 -6.99 -4.58 -5.89
C GLN A 97 -7.91 -5.26 -4.86
N ALA A 98 -8.29 -4.56 -3.80
CA ALA A 98 -9.17 -5.14 -2.78
C ALA A 98 -10.53 -5.52 -3.34
N GLN A 99 -11.02 -4.76 -4.31
CA GLN A 99 -12.31 -5.02 -4.92
C GLN A 99 -12.24 -6.21 -5.85
N LYS A 100 -11.15 -6.29 -6.62
CA LYS A 100 -10.97 -7.40 -7.56
C LYS A 100 -10.88 -8.73 -6.83
N ALA A 101 -10.53 -8.68 -5.55
CA ALA A 101 -10.43 -9.89 -4.74
C ALA A 101 -11.79 -10.13 -4.08
N GLY A 102 -12.79 -9.36 -4.50
CA GLY A 102 -14.13 -9.50 -3.94
C GLY A 102 -14.41 -8.68 -2.69
N GLY A 103 -13.55 -7.71 -2.40
CA GLY A 103 -13.75 -6.91 -1.20
C GLY A 103 -14.59 -5.65 -1.41
N THR A 104 -14.88 -4.99 -0.30
CA THR A 104 -15.66 -3.75 -0.29
C THR A 104 -14.78 -2.67 0.33
N CYS A 105 -14.66 -1.56 -0.37
CA CYS A 105 -13.85 -0.45 0.10
C CYS A 105 -14.67 0.82 0.34
N ALA A 106 -14.12 1.74 1.11
CA ALA A 106 -14.78 2.99 1.42
C ALA A 106 -13.77 4.13 1.29
N PHE A 107 -14.24 5.29 0.86
CA PHE A 107 -13.40 6.48 0.69
C PHE A 107 -13.95 7.60 1.57
N ILE A 108 -13.16 8.06 2.54
CA ILE A 108 -13.59 9.15 3.42
C ILE A 108 -12.90 10.39 2.88
N ASP A 109 -13.67 11.22 2.18
CA ASP A 109 -13.19 12.41 1.50
C ASP A 109 -13.46 13.76 2.15
N ALA A 110 -12.39 14.48 2.46
CA ALA A 110 -12.52 15.82 3.04
C ALA A 110 -11.77 16.78 2.10
N GLU A 111 -11.36 16.24 0.95
CA GLU A 111 -10.60 16.99 -0.03
C GLU A 111 -11.49 17.47 -1.18
N HIS A 112 -12.44 16.62 -1.58
CA HIS A 112 -13.38 16.91 -2.68
C HIS A 112 -12.70 16.91 -4.05
N ALA A 113 -11.74 16.02 -4.28
CA ALA A 113 -11.07 16.02 -5.57
C ALA A 113 -11.11 14.70 -6.36
N LEU A 114 -11.83 13.70 -5.85
CA LEU A 114 -11.91 12.40 -6.50
C LEU A 114 -12.46 12.37 -7.93
N ASP A 115 -11.63 11.93 -8.88
CA ASP A 115 -12.04 11.81 -10.28
C ASP A 115 -12.41 10.35 -10.53
N PRO A 116 -13.72 10.05 -10.62
CA PRO A 116 -14.16 8.68 -10.84
C PRO A 116 -13.73 8.07 -12.16
N VAL A 117 -13.66 8.91 -13.20
CA VAL A 117 -13.25 8.44 -14.51
C VAL A 117 -11.86 7.86 -14.36
N TYR A 118 -10.97 8.63 -13.74
CA TYR A 118 -9.60 8.18 -13.50
C TYR A 118 -9.62 6.95 -12.57
N ALA A 119 -10.45 6.99 -11.54
CA ALA A 119 -10.52 5.88 -10.59
C ALA A 119 -10.89 4.60 -11.31
N ARG A 120 -11.70 4.71 -12.36
CA ARG A 120 -12.10 3.55 -13.15
C ARG A 120 -10.93 3.14 -14.04
N ALA A 121 -10.19 4.13 -14.52
CA ALA A 121 -9.03 3.88 -15.36
C ALA A 121 -7.96 3.19 -14.50
N LEU A 122 -8.15 3.20 -13.18
CA LEU A 122 -7.20 2.53 -12.31
C LEU A 122 -7.75 1.17 -11.88
N GLY A 123 -8.94 0.84 -12.35
CA GLY A 123 -9.54 -0.45 -12.03
C GLY A 123 -10.49 -0.49 -10.86
N VAL A 124 -10.86 0.69 -10.37
CA VAL A 124 -11.76 0.78 -9.24
C VAL A 124 -13.21 0.66 -9.70
N ASN A 125 -13.99 -0.15 -9.01
CA ASN A 125 -15.39 -0.25 -9.36
C ASN A 125 -16.03 0.91 -8.62
N THR A 126 -16.21 2.01 -9.36
CA THR A 126 -16.78 3.24 -8.87
C THR A 126 -18.15 3.15 -8.21
N ASP A 127 -19.07 2.40 -8.83
CA ASP A 127 -20.41 2.27 -8.29
C ASP A 127 -20.50 1.57 -6.95
N GLU A 128 -19.59 0.63 -6.70
CA GLU A 128 -19.62 -0.10 -5.43
C GLU A 128 -18.72 0.54 -4.37
N LEU A 129 -18.11 1.66 -4.71
CA LEU A 129 -17.23 2.37 -3.79
C LEU A 129 -18.04 3.23 -2.83
N LEU A 130 -17.91 2.97 -1.53
CA LEU A 130 -18.63 3.75 -0.51
C LEU A 130 -17.95 5.09 -0.30
N VAL A 131 -18.70 6.19 -0.37
CA VAL A 131 -18.09 7.49 -0.16
C VAL A 131 -18.76 8.29 0.93
N SER A 132 -17.94 8.97 1.71
CA SER A 132 -18.41 9.81 2.81
C SER A 132 -17.63 11.13 2.72
N GLN A 133 -18.32 12.27 2.89
CA GLN A 133 -17.70 13.62 2.86
C GLN A 133 -18.22 14.32 4.12
N PRO A 134 -17.56 14.06 5.26
CA PRO A 134 -17.85 14.59 6.59
C PRO A 134 -17.85 16.09 6.79
N ASP A 135 -18.44 16.53 7.89
CA ASP A 135 -18.52 17.94 8.25
C ASP A 135 -17.31 18.35 9.08
N ASN A 136 -16.64 17.38 9.70
CA ASN A 136 -15.48 17.66 10.54
C ASN A 136 -14.63 16.42 10.84
N GLY A 137 -13.39 16.66 11.28
CA GLY A 137 -12.46 15.57 11.57
C GLY A 137 -13.00 14.54 12.55
N GLU A 138 -13.75 14.98 13.55
CA GLU A 138 -14.32 14.05 14.52
C GLU A 138 -15.21 13.06 13.76
N GLN A 139 -16.16 13.62 13.03
CA GLN A 139 -17.11 12.86 12.25
C GLN A 139 -16.45 11.86 11.31
N ALA A 140 -15.40 12.30 10.64
CA ALA A 140 -14.67 11.43 9.71
C ALA A 140 -14.15 10.19 10.42
N LEU A 141 -13.42 10.42 11.51
CA LEU A 141 -12.85 9.34 12.30
C LEU A 141 -13.94 8.44 12.85
N GLU A 142 -15.06 9.04 13.21
CA GLU A 142 -16.17 8.28 13.75
C GLU A 142 -16.77 7.39 12.64
N ILE A 143 -16.99 7.97 11.46
CA ILE A 143 -17.53 7.21 10.35
C ILE A 143 -16.55 6.08 10.01
N MET A 144 -15.26 6.36 10.14
CA MET A 144 -14.23 5.37 9.87
C MET A 144 -14.39 4.21 10.85
N GLU A 145 -14.62 4.54 12.12
CA GLU A 145 -14.78 3.54 13.16
C GLU A 145 -15.99 2.66 12.93
N LEU A 146 -17.14 3.27 12.64
CA LEU A 146 -18.37 2.51 12.42
C LEU A 146 -18.21 1.46 11.34
N LEU A 147 -17.55 1.85 10.25
CA LEU A 147 -17.32 0.96 9.13
C LEU A 147 -16.39 -0.19 9.50
N VAL A 148 -15.22 0.14 10.04
CA VAL A 148 -14.25 -0.87 10.39
C VAL A 148 -14.81 -1.82 11.44
N ARG A 149 -15.70 -1.29 12.28
CA ARG A 149 -16.32 -2.08 13.33
C ARG A 149 -17.32 -3.08 12.74
N SER A 150 -17.71 -2.86 11.49
CA SER A 150 -18.65 -3.75 10.83
C SER A 150 -17.94 -5.03 10.43
N GLY A 151 -16.62 -4.97 10.37
CA GLY A 151 -15.82 -6.12 10.00
C GLY A 151 -16.05 -6.58 8.57
N ALA A 152 -16.76 -5.79 7.79
CA ALA A 152 -17.05 -6.14 6.40
C ALA A 152 -16.37 -5.24 5.39
N ILE A 153 -15.50 -4.35 5.86
CA ILE A 153 -14.80 -3.41 4.98
C ILE A 153 -13.35 -3.82 4.81
N ASP A 154 -12.90 -3.96 3.56
CA ASP A 154 -11.53 -4.34 3.29
C ASP A 154 -10.55 -3.18 3.28
N VAL A 155 -10.95 -2.07 2.68
CA VAL A 155 -10.08 -0.91 2.64
C VAL A 155 -10.83 0.40 2.83
N VAL A 156 -10.29 1.22 3.72
CA VAL A 156 -10.85 2.53 4.00
C VAL A 156 -9.73 3.52 3.73
N VAL A 157 -10.00 4.47 2.85
CA VAL A 157 -9.02 5.50 2.52
C VAL A 157 -9.50 6.82 3.11
N VAL A 158 -8.60 7.53 3.77
CA VAL A 158 -8.92 8.81 4.35
C VAL A 158 -8.18 9.89 3.57
N ASP A 159 -8.93 10.79 2.95
CA ASP A 159 -8.28 11.84 2.18
C ASP A 159 -8.79 13.23 2.54
N SER A 160 -7.97 14.02 3.22
CA SER A 160 -6.63 13.64 3.66
C SER A 160 -6.48 14.01 5.13
N VAL A 161 -5.30 13.78 5.71
CA VAL A 161 -5.08 14.09 7.12
C VAL A 161 -5.22 15.58 7.44
N ALA A 162 -4.65 16.42 6.58
CA ALA A 162 -4.70 17.87 6.79
C ALA A 162 -6.13 18.41 6.77
N ALA A 163 -6.89 18.05 5.74
CA ALA A 163 -8.27 18.50 5.61
C ALA A 163 -9.18 18.15 6.79
N LEU A 164 -8.77 17.15 7.58
CA LEU A 164 -9.54 16.70 8.74
C LEU A 164 -9.65 17.69 9.89
N THR A 165 -10.07 18.92 9.59
CA THR A 165 -10.21 19.97 10.59
C THR A 165 -11.24 19.64 11.67
N PRO A 166 -10.95 19.97 12.94
CA PRO A 166 -11.85 19.72 14.09
C PRO A 166 -13.18 20.47 14.00
N ARG A 167 -14.20 19.94 14.66
CA ARG A 167 -15.55 20.53 14.65
C ARG A 167 -15.57 21.96 15.21
N ALA A 168 -15.17 22.10 16.47
CA ALA A 168 -15.18 23.40 17.14
C ALA A 168 -14.41 24.49 16.40
N GLU A 169 -13.52 24.09 15.51
CA GLU A 169 -12.72 25.05 14.75
C GLU A 169 -13.41 25.57 13.48
N ILE A 170 -14.70 25.29 13.33
CA ILE A 170 -15.42 25.74 12.15
C ILE A 170 -16.72 26.50 12.50
N PRO A 179 -7.00 25.44 19.67
CA PRO A 179 -5.67 25.64 20.28
C PRO A 179 -4.78 24.40 20.14
N GLY A 180 -4.99 23.66 19.07
CA GLY A 180 -4.21 22.44 18.84
C GLY A 180 -5.02 21.21 19.22
N LEU A 181 -6.33 21.29 19.00
CA LEU A 181 -7.25 20.21 19.33
C LEU A 181 -7.23 19.04 18.36
N GLN A 182 -6.75 19.27 17.14
CA GLN A 182 -6.70 18.21 16.13
C GLN A 182 -5.55 17.24 16.40
N ALA A 183 -4.47 17.74 16.99
CA ALA A 183 -3.33 16.91 17.32
C ALA A 183 -3.80 15.91 18.37
N ARG A 184 -4.79 16.32 19.15
CA ARG A 184 -5.38 15.49 20.20
C ARG A 184 -6.57 14.70 19.68
N LEU A 185 -7.27 15.26 18.70
CA LEU A 185 -8.41 14.59 18.09
C LEU A 185 -7.87 13.31 17.49
N MET A 186 -6.81 13.45 16.70
CA MET A 186 -6.15 12.32 16.05
C MET A 186 -5.68 11.31 17.09
N SER A 187 -4.84 11.77 18.02
CA SER A 187 -4.31 10.91 19.06
C SER A 187 -5.43 10.18 19.76
N GLN A 188 -6.48 10.90 20.06
CA GLN A 188 -7.63 10.35 20.76
C GLN A 188 -8.36 9.27 19.97
N ALA A 189 -8.71 9.58 18.72
CA ALA A 189 -9.42 8.62 17.87
C ALA A 189 -8.52 7.53 17.29
N LEU A 190 -7.28 7.88 16.94
CA LEU A 190 -6.34 6.90 16.38
C LEU A 190 -6.09 5.81 17.38
N ARG A 191 -6.01 6.19 18.65
CA ARG A 191 -5.78 5.25 19.74
C ARG A 191 -6.93 4.25 19.75
N LYS A 192 -8.15 4.78 19.80
CA LYS A 192 -9.36 3.97 19.81
C LYS A 192 -9.48 3.11 18.56
N LEU A 193 -9.23 3.72 17.41
CA LEU A 193 -9.33 3.03 16.11
C LEU A 193 -8.33 1.90 16.00
N THR A 194 -7.12 2.15 16.46
CA THR A 194 -6.06 1.14 16.39
C THR A 194 -6.41 -0.16 17.10
N ALA A 195 -6.92 -0.07 18.32
CA ALA A 195 -7.30 -1.26 19.08
C ALA A 195 -8.31 -2.13 18.35
N ILE A 196 -9.46 -1.56 18.00
CA ILE A 196 -10.50 -2.28 17.30
C ILE A 196 -10.02 -2.81 15.94
N LEU A 197 -9.33 -1.97 15.19
CA LEU A 197 -8.81 -2.31 13.85
C LEU A 197 -7.91 -3.55 13.83
N SER A 198 -7.04 -3.68 14.83
CA SER A 198 -6.11 -4.80 14.92
C SER A 198 -6.78 -6.14 14.67
N LYS A 199 -8.10 -6.17 14.77
CA LYS A 199 -8.82 -7.41 14.59
C LYS A 199 -10.02 -7.31 13.66
N THR A 200 -9.79 -6.85 12.43
CA THR A 200 -10.89 -6.68 11.48
C THR A 200 -10.55 -7.03 10.05
N GLY A 201 -9.27 -7.18 9.73
CA GLY A 201 -8.91 -7.47 8.35
C GLY A 201 -9.13 -6.27 7.45
N THR A 202 -9.35 -5.12 8.09
CA THR A 202 -9.56 -3.84 7.39
C THR A 202 -8.20 -3.15 7.26
N ALA A 203 -7.84 -2.74 6.06
CA ALA A 203 -6.59 -2.01 5.88
C ALA A 203 -6.99 -0.54 5.82
N ALA A 204 -6.54 0.28 6.78
CA ALA A 204 -6.88 1.70 6.80
C ALA A 204 -5.73 2.53 6.23
N ILE A 205 -6.04 3.29 5.19
CA ILE A 205 -5.04 4.14 4.53
C ILE A 205 -5.29 5.62 4.79
N PHE A 206 -4.28 6.31 5.27
CA PHE A 206 -4.37 7.75 5.52
C PHE A 206 -3.45 8.44 4.53
N ILE A 207 -4.00 9.35 3.73
CA ILE A 207 -3.17 10.09 2.79
C ILE A 207 -2.78 11.37 3.48
N ASN A 208 -1.51 11.74 3.32
CA ASN A 208 -0.94 12.93 3.93
C ASN A 208 -0.15 13.82 2.95
N GLN A 209 -0.61 15.06 2.77
CA GLN A 209 0.07 16.01 1.88
C GLN A 209 1.16 16.70 2.72
N VAL A 210 2.42 16.64 2.27
CA VAL A 210 3.48 17.28 3.02
C VAL A 210 4.33 18.15 2.11
N GLY A 226 -1.31 16.58 13.77
CA GLY A 226 -2.04 15.33 13.85
C GLY A 226 -1.30 14.18 13.19
N GLY A 227 -0.35 14.54 12.32
CA GLY A 227 0.45 13.55 11.63
C GLY A 227 1.45 12.90 12.57
N ARG A 228 1.61 13.47 13.76
CA ARG A 228 2.54 12.94 14.75
C ARG A 228 1.91 11.75 15.47
N ALA A 229 0.58 11.72 15.53
CA ALA A 229 -0.10 10.62 16.15
C ALA A 229 -0.02 9.50 15.13
N LEU A 230 -0.28 9.85 13.87
CA LEU A 230 -0.23 8.91 12.76
C LEU A 230 1.15 8.27 12.61
N LYS A 231 2.17 9.12 12.61
CA LYS A 231 3.57 8.70 12.47
C LYS A 231 3.89 7.51 13.36
N PHE A 232 3.41 7.54 14.60
CA PHE A 232 3.66 6.47 15.55
C PHE A 232 2.65 5.33 15.55
N TYR A 233 1.42 5.60 15.12
CA TYR A 233 0.39 4.56 15.10
C TYR A 233 0.42 3.74 13.79
N ALA A 234 0.93 4.34 12.73
CA ALA A 234 1.02 3.67 11.44
C ALA A 234 1.98 2.49 11.54
N SER A 235 1.68 1.41 10.84
CA SER A 235 2.52 0.23 10.84
C SER A 235 3.39 0.31 9.61
N VAL A 236 2.92 1.10 8.66
CA VAL A 236 3.63 1.30 7.42
C VAL A 236 3.50 2.76 7.02
N ARG A 237 4.59 3.32 6.52
CA ARG A 237 4.61 4.70 6.05
C ARG A 237 5.33 4.77 4.72
N LEU A 238 4.58 5.12 3.68
CA LEU A 238 5.13 5.22 2.34
C LEU A 238 5.41 6.65 1.94
N ASP A 239 6.64 6.89 1.52
CA ASP A 239 7.04 8.21 1.06
C ASP A 239 6.91 8.16 -0.46
N VAL A 240 5.98 8.96 -1.00
CA VAL A 240 5.72 9.00 -2.45
C VAL A 240 5.97 10.38 -3.06
N ARG A 241 6.89 10.43 -4.02
CA ARG A 241 7.23 11.71 -4.66
C ARG A 241 7.82 11.49 -6.05
N LYS A 242 7.54 12.41 -6.96
CA LYS A 242 8.07 12.31 -8.32
C LYS A 242 9.56 12.65 -8.36
N ILE A 243 10.29 11.99 -9.24
CA ILE A 243 11.72 12.26 -9.39
C ILE A 243 12.01 12.53 -10.87
N GLY A 244 12.93 13.46 -11.10
CA GLY A 244 13.31 13.79 -12.47
C GLY A 244 12.28 14.51 -13.31
N GLN A 245 12.53 14.49 -14.61
CA GLN A 245 11.67 15.16 -15.58
C GLN A 245 10.63 14.22 -16.15
N PRO A 246 9.45 14.77 -16.50
CA PRO A 246 8.35 13.98 -17.07
C PRO A 246 8.79 13.44 -18.43
N THR A 247 7.86 12.85 -19.18
CA THR A 247 8.17 12.33 -20.51
C THR A 247 6.99 12.49 -21.47
N VAL A 254 3.61 13.22 -19.98
CA VAL A 254 2.67 12.12 -20.09
C VAL A 254 2.95 11.06 -19.01
N ALA A 255 4.22 10.72 -18.83
CA ALA A 255 4.64 9.74 -17.83
C ALA A 255 5.74 10.31 -16.93
N ASN A 256 5.65 10.02 -15.65
CA ASN A 256 6.63 10.50 -14.68
C ASN A 256 7.09 9.35 -13.81
N THR A 257 8.27 9.48 -13.24
CA THR A 257 8.78 8.45 -12.34
C THR A 257 8.60 8.90 -10.90
N VAL A 258 8.10 7.99 -10.07
CA VAL A 258 7.88 8.31 -8.67
C VAL A 258 8.57 7.29 -7.78
N LYS A 259 9.38 7.78 -6.85
CA LYS A 259 10.09 6.91 -5.93
C LYS A 259 9.17 6.72 -4.73
N ILE A 260 9.09 5.48 -4.25
CA ILE A 260 8.27 5.15 -3.11
C ILE A 260 9.19 4.43 -2.14
N LYS A 261 9.31 4.98 -0.93
CA LYS A 261 10.17 4.40 0.10
C LYS A 261 9.37 3.98 1.32
N THR A 262 9.70 2.81 1.88
CA THR A 262 9.01 2.33 3.07
C THR A 262 9.79 2.90 4.27
N VAL A 263 9.57 4.18 4.54
CA VAL A 263 10.25 4.85 5.62
C VAL A 263 9.92 4.23 6.99
N LYS A 264 8.79 3.53 7.08
CA LYS A 264 8.42 2.84 8.31
C LYS A 264 7.70 1.53 7.97
N ASN A 265 8.13 0.45 8.61
CA ASN A 265 7.55 -0.86 8.37
C ASN A 265 7.70 -1.68 9.65
N LYS A 266 6.59 -1.95 10.33
CA LYS A 266 6.59 -2.72 11.57
C LYS A 266 6.15 -4.15 11.29
N VAL A 267 6.06 -4.48 10.00
CA VAL A 267 5.62 -5.80 9.56
C VAL A 267 6.69 -6.52 8.75
N ALA A 268 7.72 -5.77 8.35
CA ALA A 268 8.82 -6.29 7.57
C ALA A 268 9.95 -5.28 7.58
N ALA A 269 11.14 -5.66 7.15
CA ALA A 269 12.27 -4.74 7.14
C ALA A 269 11.92 -3.42 6.46
N PRO A 270 12.16 -2.30 7.15
CA PRO A 270 11.86 -1.00 6.56
C PRO A 270 13.00 -0.49 5.67
N PHE A 271 12.79 0.69 5.11
CA PHE A 271 13.77 1.36 4.26
C PHE A 271 14.10 0.74 2.92
N LYS A 272 13.13 0.06 2.30
CA LYS A 272 13.35 -0.48 0.96
C LYS A 272 12.62 0.49 0.07
N GLU A 273 13.13 0.70 -1.14
CA GLU A 273 12.46 1.64 -2.01
C GLU A 273 12.24 1.07 -3.41
N VAL A 274 11.36 1.73 -4.15
CA VAL A 274 11.01 1.33 -5.50
C VAL A 274 10.80 2.57 -6.36
N GLU A 275 11.09 2.46 -7.65
CA GLU A 275 10.90 3.57 -8.59
C GLU A 275 9.93 3.11 -9.69
N LEU A 276 8.68 3.59 -9.64
CA LEU A 276 7.66 3.20 -10.61
C LEU A 276 7.38 4.27 -11.63
N ALA A 277 6.71 3.85 -12.70
CA ALA A 277 6.36 4.75 -13.79
C ALA A 277 4.88 5.10 -13.68
N LEU A 278 4.60 6.39 -13.52
CA LEU A 278 3.23 6.88 -13.40
C LEU A 278 2.88 7.68 -14.64
N VAL A 279 2.06 7.10 -15.49
CA VAL A 279 1.66 7.77 -16.71
C VAL A 279 0.26 8.35 -16.58
N TYR A 280 0.13 9.59 -17.02
CA TYR A 280 -1.12 10.32 -16.97
C TYR A 280 -2.34 9.52 -17.42
N GLY A 281 -3.40 9.59 -16.63
CA GLY A 281 -4.64 8.90 -16.96
C GLY A 281 -4.58 7.39 -16.83
N LYS A 282 -3.39 6.82 -16.75
CA LYS A 282 -3.26 5.37 -16.66
C LYS A 282 -2.85 4.91 -15.26
N GLY A 283 -1.93 5.66 -14.66
CA GLY A 283 -1.45 5.30 -13.33
C GLY A 283 -0.09 4.64 -13.45
N PHE A 284 0.26 3.89 -12.41
CA PHE A 284 1.53 3.17 -12.38
C PHE A 284 1.50 2.01 -13.37
N ASP A 285 2.55 1.88 -14.19
CA ASP A 285 2.60 0.82 -15.17
C ASP A 285 2.86 -0.50 -14.47
N GLN A 286 1.78 -1.18 -14.11
CA GLN A 286 1.88 -2.44 -13.39
C GLN A 286 2.48 -3.58 -14.18
N LEU A 287 2.14 -3.68 -15.46
CA LEU A 287 2.67 -4.76 -16.29
C LEU A 287 4.17 -4.66 -16.45
N SER A 288 4.66 -3.49 -16.83
CA SER A 288 6.09 -3.29 -16.99
C SER A 288 6.76 -3.81 -15.70
N ASP A 289 6.19 -3.42 -14.56
CA ASP A 289 6.69 -3.84 -13.26
C ASP A 289 6.61 -5.36 -13.15
N LEU A 290 5.45 -5.91 -13.53
CA LEU A 290 5.18 -7.36 -13.47
C LEU A 290 6.15 -8.18 -14.34
N VAL A 291 6.25 -7.83 -15.62
CA VAL A 291 7.15 -8.53 -16.55
C VAL A 291 8.58 -8.45 -16.03
N GLY A 292 8.96 -7.30 -15.49
CA GLY A 292 10.31 -7.16 -14.97
C GLY A 292 10.58 -8.06 -13.77
N LEU A 293 9.73 -7.98 -12.75
CA LEU A 293 9.92 -8.77 -11.54
C LEU A 293 9.74 -10.26 -11.73
N ALA A 294 8.80 -10.67 -12.59
CA ALA A 294 8.55 -12.08 -12.85
C ALA A 294 9.73 -12.69 -13.61
N ALA A 295 10.35 -11.89 -14.48
CA ALA A 295 11.50 -12.35 -15.25
C ALA A 295 12.65 -12.61 -14.30
N ASP A 296 12.87 -11.69 -13.37
CA ASP A 296 13.94 -11.81 -12.38
C ASP A 296 13.76 -12.98 -11.43
N MET A 297 12.51 -13.38 -11.21
CA MET A 297 12.23 -14.49 -10.32
C MET A 297 12.11 -15.79 -11.11
N ASP A 298 12.42 -15.72 -12.40
CA ASP A 298 12.35 -16.88 -13.28
C ASP A 298 10.94 -17.39 -13.48
N ILE A 299 9.96 -16.61 -13.06
CA ILE A 299 8.56 -17.01 -13.23
C ILE A 299 8.29 -16.94 -14.73
N ILE A 300 8.90 -15.96 -15.40
CA ILE A 300 8.80 -15.90 -16.85
C ILE A 300 10.26 -15.89 -17.26
N LYS A 301 10.63 -16.83 -18.14
CA LYS A 301 12.01 -16.95 -18.59
C LYS A 301 12.40 -15.90 -19.60
N LYS A 302 13.55 -15.26 -19.37
CA LYS A 302 14.05 -14.28 -20.29
C LYS A 302 15.40 -14.79 -20.74
N ALA A 303 15.70 -14.61 -22.02
CA ALA A 303 16.97 -15.04 -22.59
C ALA A 303 17.35 -13.92 -23.55
N GLY A 304 18.13 -12.96 -23.06
CA GLY A 304 18.51 -11.85 -23.89
C GLY A 304 17.25 -11.03 -24.07
N SER A 305 16.81 -10.86 -25.31
CA SER A 305 15.60 -10.10 -25.58
C SER A 305 14.39 -11.03 -25.75
N PHE A 306 14.58 -12.30 -25.44
CA PHE A 306 13.51 -13.29 -25.59
C PHE A 306 12.81 -13.72 -24.31
N TYR A 307 11.51 -13.44 -24.25
CA TYR A 307 10.70 -13.79 -23.10
C TYR A 307 9.77 -14.95 -23.41
N SER A 308 9.61 -15.85 -22.45
CA SER A 308 8.73 -17.00 -22.63
C SER A 308 8.08 -17.37 -21.30
N TYR A 309 6.92 -18.03 -21.38
CA TYR A 309 6.19 -18.44 -20.19
C TYR A 309 5.48 -19.77 -20.45
N GLY A 310 5.68 -20.74 -19.56
CA GLY A 310 5.06 -22.03 -19.74
C GLY A 310 5.65 -22.78 -20.94
N ASP A 311 6.97 -22.72 -21.08
CA ASP A 311 7.65 -23.38 -22.20
C ASP A 311 6.95 -22.97 -23.48
N GLU A 312 6.77 -21.66 -23.64
CA GLU A 312 6.10 -21.10 -24.79
C GLU A 312 6.49 -19.63 -24.95
N ARG A 313 7.07 -19.29 -26.09
CA ARG A 313 7.51 -17.93 -26.36
C ARG A 313 6.34 -16.93 -26.33
N ILE A 314 6.53 -15.81 -25.63
CA ILE A 314 5.48 -14.80 -25.52
C ILE A 314 5.88 -13.41 -25.99
N GLY A 315 6.92 -13.32 -26.82
CA GLY A 315 7.34 -12.03 -27.31
C GLY A 315 8.82 -11.72 -27.14
N GLN A 316 9.34 -10.89 -28.04
CA GLN A 316 10.74 -10.48 -27.98
C GLN A 316 10.79 -9.02 -27.55
N GLY A 317 11.45 -8.76 -26.42
CA GLY A 317 11.54 -7.41 -25.91
C GLY A 317 10.43 -7.21 -24.90
N LYS A 318 10.60 -6.25 -24.00
CA LYS A 318 9.59 -6.00 -22.98
C LYS A 318 8.28 -5.52 -23.58
N GLU A 319 8.35 -4.59 -24.52
CA GLU A 319 7.16 -4.05 -25.16
C GLU A 319 6.24 -5.14 -25.72
N LYS A 320 6.81 -6.04 -26.52
CA LYS A 320 6.04 -7.12 -27.11
C LYS A 320 5.51 -8.06 -26.03
N THR A 321 6.34 -8.35 -25.04
CA THR A 321 5.93 -9.26 -23.97
C THR A 321 4.87 -8.65 -23.03
N ILE A 322 5.03 -7.40 -22.58
CA ILE A 322 4.03 -6.81 -21.71
C ILE A 322 2.74 -6.69 -22.51
N ALA A 323 2.88 -6.57 -23.83
CA ALA A 323 1.73 -6.45 -24.72
C ALA A 323 1.05 -7.81 -24.89
N TYR A 324 1.81 -8.89 -24.77
CA TYR A 324 1.27 -10.25 -24.89
C TYR A 324 0.41 -10.56 -23.68
N ILE A 325 0.88 -10.17 -22.49
CA ILE A 325 0.17 -10.39 -21.23
C ILE A 325 -1.08 -9.50 -21.19
N ALA A 326 -0.96 -8.30 -21.75
CA ALA A 326 -2.04 -7.33 -21.77
C ALA A 326 -3.28 -7.85 -22.50
N GLU A 327 -3.08 -8.87 -23.34
CA GLU A 327 -4.15 -9.48 -24.12
C GLU A 327 -4.75 -10.70 -23.43
N ARG A 328 -4.12 -11.13 -22.35
CA ARG A 328 -4.59 -12.30 -21.65
C ARG A 328 -4.73 -12.10 -20.15
N PRO A 329 -5.91 -11.66 -19.69
CA PRO A 329 -6.16 -11.42 -18.26
C PRO A 329 -5.86 -12.66 -17.45
N GLU A 330 -6.21 -13.82 -18.01
CA GLU A 330 -5.99 -15.11 -17.37
C GLU A 330 -4.52 -15.20 -16.99
N MET A 331 -3.67 -14.88 -17.96
CA MET A 331 -2.23 -14.95 -17.80
C MET A 331 -1.69 -13.92 -16.84
N GLU A 332 -2.15 -12.67 -16.97
CA GLU A 332 -1.70 -11.60 -16.08
C GLU A 332 -1.97 -12.04 -14.63
N GLN A 333 -3.21 -12.44 -14.38
CA GLN A 333 -3.61 -12.87 -13.05
C GLN A 333 -2.75 -14.01 -12.50
N GLU A 334 -2.57 -15.07 -13.30
CA GLU A 334 -1.76 -16.21 -12.88
C GLU A 334 -0.31 -15.85 -12.56
N ILE A 335 0.30 -14.99 -13.37
CA ILE A 335 1.68 -14.58 -13.12
C ILE A 335 1.67 -13.75 -11.84
N ARG A 336 0.60 -12.98 -11.68
CA ARG A 336 0.43 -12.10 -10.53
C ARG A 336 0.36 -12.89 -9.23
N ASP A 337 -0.41 -13.98 -9.22
CA ASP A 337 -0.53 -14.81 -8.03
C ASP A 337 0.77 -15.61 -7.79
N ARG A 338 1.43 -15.97 -8.88
CA ARG A 338 2.67 -16.73 -8.79
C ARG A 338 3.71 -15.83 -8.11
N VAL A 339 3.79 -14.58 -8.56
CA VAL A 339 4.71 -13.63 -7.96
C VAL A 339 4.31 -13.34 -6.51
N MET A 340 3.02 -13.10 -6.27
CA MET A 340 2.54 -12.84 -4.90
C MET A 340 2.97 -14.00 -4.01
N ALA A 341 2.52 -15.19 -4.37
CA ALA A 341 2.85 -16.42 -3.65
C ALA A 341 4.34 -16.53 -3.34
N ALA A 342 5.19 -16.20 -4.31
CA ALA A 342 6.62 -16.28 -4.13
C ALA A 342 7.12 -15.32 -3.05
N ILE A 343 6.76 -14.04 -3.16
CA ILE A 343 7.17 -13.06 -2.15
C ILE A 343 6.79 -13.62 -0.79
N ARG A 344 5.53 -13.99 -0.67
CA ARG A 344 4.96 -14.54 0.57
C ARG A 344 5.62 -15.87 0.97
PG AGS B . -2.70 15.27 -4.54
S1G AGS B . -3.34 15.98 -6.23
O2G AGS B . -2.33 16.40 -3.66
O3G AGS B . -3.66 14.27 -4.03
PB AGS B . -1.30 12.93 -5.30
O1B AGS B . -0.02 12.38 -4.82
O2B AGS B . -2.55 12.28 -4.84
O3B AGS B . -1.34 14.50 -4.96
PA AGS B . -2.26 11.95 -7.77
O1A AGS B . -3.56 12.54 -7.38
O2A AGS B . -1.73 10.66 -7.31
O3A AGS B . -1.29 12.91 -6.92
O5' AGS B . -1.70 12.51 -9.19
C5' AGS B . -0.43 12.12 -9.69
C4' AGS B . -0.44 11.98 -11.21
O4' AGS B . -1.37 10.98 -11.65
C3' AGS B . -0.85 13.25 -11.95
O3' AGS B . 0.27 14.14 -12.10
C2' AGS B . -1.20 12.65 -13.31
O2' AGS B . -0.03 12.20 -13.99
C1' AGS B . -2.02 11.45 -12.85
N9 AGS B . -3.41 11.85 -12.49
C8 AGS B . -3.86 12.15 -11.28
N7 AGS B . -5.16 12.40 -11.33
C5 AGS B . -5.56 12.27 -12.59
C6 AGS B . -6.77 12.40 -13.25
N6 AGS B . -7.87 12.74 -12.59
N1 AGS B . -6.83 12.17 -14.58
C2 AGS B . -5.74 11.84 -15.25
N3 AGS B . -4.57 11.70 -14.65
C4 AGS B . -4.44 11.90 -13.33
#